data_2OF2
#
_entry.id   2OF2
#
_cell.length_a   42.2
_cell.length_b   74.3
_cell.length_c   92.0
_cell.angle_alpha   90
_cell.angle_beta   90
_cell.angle_gamma   90
#
_symmetry.space_group_name_H-M   'P 21 21 21'
#
loop_
_entity.id
_entity.type
_entity.pdbx_description
1 polymer 'Proto-oncogene tyrosine-protein kinase LCK'
2 non-polymer 2,3-DIPHENYL-N-(2-PIPERAZIN-1-YLETHYL)FURO[2,3-B]PYRIDIN-4-AMINE
3 water water
#
_entity_poly.entity_id   1
_entity_poly.type   'polypeptide(L)'
_entity_poly.pdbx_seq_one_letter_code
;KPWWEDEWEVPRETLKLVERLGAGQFGEVWMGYYNGHTKVAVKSLKQGSMSPDAFLAEANLMKQLQHQRLVRLYAVVTQE
PIYIITEYMENGSLVDFLKTPSGIKLTINKLLDMAAQIAEGMAFIEERNYIHRDLRAANILVSDTLSCKIADFGLARLIE
DNEYTAREGAKFPIKWTAPEAINYGTFTIKSDVWSFGILLTEIVTHGRIPYPGMTNPEVIQNLERGYRMVRPDNCPEELY
QLMRLCWKERPEDRPTFDYLRSVLEDFFTAT
;
_entity_poly.pdbx_strand_id   A
#
loop_
_chem_comp.id
_chem_comp.type
_chem_comp.name
_chem_comp.formula
547 non-polymer 2,3-DIPHENYL-N-(2-PIPERAZIN-1-YLETHYL)FURO[2,3-B]PYRIDIN-4-AMINE 'C25 H26 N4 O'
#
# COMPACT_ATOMS: atom_id res chain seq x y z
N LYS A 1 0.39 -22.95 12.87
CA LYS A 1 -0.32 -23.88 13.78
C LYS A 1 -1.60 -24.40 13.13
N PRO A 2 -2.11 -25.55 13.60
CA PRO A 2 -3.34 -26.12 13.03
C PRO A 2 -4.52 -25.21 13.38
N TRP A 3 -5.53 -25.16 12.52
CA TRP A 3 -6.65 -24.25 12.78
C TRP A 3 -7.34 -24.43 14.14
N TRP A 4 -7.32 -25.65 14.69
CA TRP A 4 -7.95 -25.84 15.98
C TRP A 4 -7.05 -25.34 17.11
N GLU A 5 -5.87 -24.85 16.76
CA GLU A 5 -4.94 -24.33 17.75
C GLU A 5 -4.58 -22.88 17.44
N ASP A 6 -4.93 -22.45 16.23
CA ASP A 6 -4.62 -21.11 15.78
C ASP A 6 -5.46 -20.02 16.43
N GLU A 7 -4.78 -19.00 16.96
CA GLU A 7 -5.44 -17.88 17.61
C GLU A 7 -6.35 -17.07 16.68
N TRP A 8 -6.08 -17.12 15.37
CA TRP A 8 -6.86 -16.34 14.40
C TRP A 8 -8.08 -17.01 13.77
N GLU A 9 -8.19 -18.33 13.86
CA GLU A 9 -9.34 -19.02 13.28
C GLU A 9 -10.56 -18.72 14.13
N VAL A 10 -11.66 -18.35 13.46
CA VAL A 10 -12.92 -18.06 14.15
C VAL A 10 -14.07 -18.72 13.42
N PRO A 11 -15.12 -19.08 14.15
CA PRO A 11 -16.31 -19.72 13.56
C PRO A 11 -16.97 -18.72 12.62
N ARG A 12 -17.37 -19.16 11.43
CA ARG A 12 -17.98 -18.28 10.47
C ARG A 12 -19.24 -17.62 11.05
N GLU A 13 -19.88 -18.31 11.98
CA GLU A 13 -21.09 -17.80 12.62
C GLU A 13 -20.86 -16.47 13.35
N THR A 14 -19.59 -16.16 13.68
CA THR A 14 -19.30 -14.92 14.39
C THR A 14 -19.37 -13.70 13.49
N LEU A 15 -19.52 -13.94 12.19
CA LEU A 15 -19.54 -12.84 11.22
C LEU A 15 -20.85 -12.58 10.49
N LYS A 16 -21.14 -11.29 10.31
CA LYS A 16 -22.33 -10.86 9.60
C LYS A 16 -21.89 -9.87 8.54
N LEU A 17 -21.99 -10.27 7.28
CA LEU A 17 -21.60 -9.41 6.15
C LEU A 17 -22.74 -8.43 5.89
N VAL A 18 -22.44 -7.14 5.97
CA VAL A 18 -23.45 -6.11 5.81
C VAL A 18 -23.44 -5.32 4.50
N GLU A 19 -22.28 -4.83 4.09
CA GLU A 19 -22.20 -4.05 2.87
C GLU A 19 -20.96 -4.41 2.03
N ARG A 20 -21.13 -4.57 0.72
CA ARG A 20 -20.01 -4.94 -0.14
C ARG A 20 -19.23 -3.70 -0.55
N LEU A 21 -17.92 -3.75 -0.32
CA LEU A 21 -17.02 -2.63 -0.64
C LEU A 21 -16.31 -2.82 -1.95
N GLY A 22 -16.30 -4.05 -2.46
CA GLY A 22 -15.64 -4.32 -3.72
C GLY A 22 -15.89 -5.73 -4.18
N ALA A 23 -15.94 -5.93 -5.48
CA ALA A 23 -16.17 -7.25 -6.04
C ALA A 23 -15.18 -7.40 -7.16
N GLY A 24 -14.60 -8.59 -7.27
CA GLY A 24 -13.63 -8.81 -8.32
C GLY A 24 -13.52 -10.24 -8.76
N GLN A 25 -12.55 -10.44 -9.63
CA GLN A 25 -12.22 -11.73 -10.24
C GLN A 25 -11.87 -12.80 -9.24
N PHE A 26 -11.24 -12.39 -8.14
CA PHE A 26 -10.83 -13.33 -7.11
C PHE A 26 -11.70 -13.35 -5.88
N GLY A 27 -12.74 -12.53 -5.86
CA GLY A 27 -13.62 -12.53 -4.71
C GLY A 27 -14.17 -11.15 -4.38
N GLU A 28 -14.66 -11.03 -3.17
CA GLU A 28 -15.28 -9.78 -2.73
C GLU A 28 -14.73 -9.33 -1.38
N VAL A 29 -14.99 -8.07 -1.07
CA VAL A 29 -14.61 -7.48 0.21
C VAL A 29 -15.88 -6.80 0.71
N TRP A 30 -16.28 -7.17 1.92
CA TRP A 30 -17.47 -6.63 2.53
C TRP A 30 -17.18 -5.95 3.85
N MET A 31 -18.11 -5.07 4.25
CA MET A 31 -18.05 -4.40 5.53
C MET A 31 -18.99 -5.27 6.37
N GLY A 32 -18.58 -5.63 7.58
CA GLY A 32 -19.45 -6.45 8.41
C GLY A 32 -19.20 -6.30 9.90
N TYR A 33 -19.81 -7.19 10.67
CA TYR A 33 -19.64 -7.15 12.13
C TYR A 33 -19.20 -8.48 12.71
N TYR A 34 -18.26 -8.42 13.66
CA TYR A 34 -17.75 -9.61 14.34
C TYR A 34 -18.45 -9.61 15.69
N ASN A 35 -19.05 -10.75 16.04
CA ASN A 35 -19.77 -10.89 17.29
C ASN A 35 -20.74 -9.72 17.53
N GLY A 36 -21.44 -9.35 16.46
CA GLY A 36 -22.42 -8.29 16.52
C GLY A 36 -22.02 -6.84 16.69
N HIS A 37 -21.02 -6.57 17.52
CA HIS A 37 -20.64 -5.18 17.78
C HIS A 37 -19.38 -4.60 17.12
N THR A 38 -18.45 -5.45 16.71
CA THR A 38 -17.21 -4.95 16.13
C THR A 38 -17.14 -4.92 14.61
N LYS A 39 -17.02 -3.71 14.07
CA LYS A 39 -16.94 -3.48 12.64
C LYS A 39 -15.65 -4.09 12.06
N VAL A 40 -15.81 -4.85 10.98
CA VAL A 40 -14.69 -5.51 10.34
C VAL A 40 -14.77 -5.45 8.81
N ALA A 41 -13.68 -5.83 8.17
CA ALA A 41 -13.61 -5.88 6.72
C ALA A 41 -13.45 -7.37 6.44
N VAL A 42 -14.24 -7.91 5.52
CA VAL A 42 -14.17 -9.33 5.20
C VAL A 42 -13.86 -9.56 3.73
N LYS A 43 -12.67 -10.11 3.49
CA LYS A 43 -12.18 -10.45 2.15
C LYS A 43 -12.51 -11.94 1.98
N SER A 44 -13.38 -12.26 0.97
CA SER A 44 -13.81 -13.63 0.68
C SER A 44 -13.24 -14.08 -0.66
N LEU A 45 -12.68 -15.29 -0.67
CA LEU A 45 -12.09 -15.84 -1.88
C LEU A 45 -13.10 -16.57 -2.76
N LYS A 46 -13.08 -16.24 -4.04
CA LYS A 46 -13.97 -16.87 -5.01
C LYS A 46 -13.38 -18.25 -5.33
N GLN A 47 -14.09 -19.31 -4.93
CA GLN A 47 -13.59 -20.66 -5.15
C GLN A 47 -13.23 -20.96 -6.58
N GLY A 48 -11.98 -21.39 -6.78
CA GLY A 48 -11.52 -21.74 -8.11
C GLY A 48 -10.91 -20.59 -8.86
N SER A 49 -11.08 -19.37 -8.34
CA SER A 49 -10.52 -18.20 -9.00
C SER A 49 -9.03 -18.16 -8.79
N MET A 50 -8.58 -18.77 -7.70
CA MET A 50 -7.15 -18.80 -7.39
C MET A 50 -6.88 -19.76 -6.24
N SER A 51 -5.62 -20.11 -6.04
CA SER A 51 -5.26 -21.03 -4.98
C SER A 51 -5.57 -20.52 -3.58
N PRO A 52 -6.21 -21.36 -2.75
CA PRO A 52 -6.58 -21.02 -1.38
C PRO A 52 -5.33 -20.73 -0.56
N ASP A 53 -4.27 -21.48 -0.87
CA ASP A 53 -2.99 -21.31 -0.18
C ASP A 53 -2.43 -19.93 -0.51
N ALA A 54 -2.54 -19.54 -1.77
CA ALA A 54 -2.04 -18.24 -2.22
C ALA A 54 -2.81 -17.14 -1.51
N PHE A 55 -4.11 -17.32 -1.41
CA PHE A 55 -4.99 -16.36 -0.75
C PHE A 55 -4.61 -16.21 0.72
N LEU A 56 -4.53 -17.33 1.43
CA LEU A 56 -4.21 -17.33 2.85
C LEU A 56 -2.77 -16.91 3.18
N ALA A 57 -1.89 -16.98 2.19
CA ALA A 57 -0.49 -16.61 2.37
C ALA A 57 -0.37 -15.17 2.89
N GLU A 58 -1.25 -14.30 2.42
CA GLU A 58 -1.24 -12.91 2.85
C GLU A 58 -1.58 -12.78 4.33
N ALA A 59 -2.56 -13.57 4.78
CA ALA A 59 -2.95 -13.52 6.18
C ALA A 59 -1.79 -13.98 7.07
N ASN A 60 -1.11 -15.04 6.63
CA ASN A 60 0.03 -15.59 7.36
C ASN A 60 1.13 -14.54 7.47
N LEU A 61 1.34 -13.75 6.42
CA LEU A 61 2.36 -12.71 6.48
C LEU A 61 1.93 -11.60 7.41
N MET A 62 0.63 -11.26 7.40
CA MET A 62 0.11 -10.21 8.25
C MET A 62 0.26 -10.55 9.72
N LYS A 63 0.30 -11.85 10.03
CA LYS A 63 0.48 -12.28 11.41
C LYS A 63 1.83 -11.79 11.93
N GLN A 64 2.80 -11.71 11.02
CA GLN A 64 4.16 -11.26 11.36
C GLN A 64 4.40 -9.75 11.25
N LEU A 65 3.43 -9.02 10.72
CA LEU A 65 3.60 -7.58 10.57
C LEU A 65 2.49 -6.81 11.24
N GLN A 66 2.53 -6.75 12.57
CA GLN A 66 1.52 -6.03 13.32
C GLN A 66 2.10 -4.70 13.80
N HIS A 67 1.39 -3.61 13.50
CA HIS A 67 1.82 -2.26 13.89
C HIS A 67 0.64 -1.33 13.69
N GLN A 68 0.55 -0.28 14.50
CA GLN A 68 -0.57 0.66 14.41
C GLN A 68 -0.76 1.26 13.02
N ARG A 69 0.33 1.39 12.28
CA ARG A 69 0.26 1.98 10.95
C ARG A 69 -0.02 1.01 9.80
N LEU A 70 -0.27 -0.26 10.13
CA LEU A 70 -0.58 -1.28 9.13
C LEU A 70 -1.96 -1.88 9.43
N VAL A 71 -2.79 -2.06 8.41
CA VAL A 71 -4.13 -2.63 8.63
C VAL A 71 -3.90 -3.96 9.35
N ARG A 72 -4.55 -4.12 10.50
CA ARG A 72 -4.37 -5.32 11.33
C ARG A 72 -5.19 -6.55 10.98
N LEU A 73 -4.53 -7.71 10.97
CA LEU A 73 -5.22 -8.96 10.72
C LEU A 73 -6.07 -9.21 11.95
N TYR A 74 -7.30 -9.64 11.70
CA TYR A 74 -8.23 -9.93 12.77
C TYR A 74 -8.45 -11.42 12.97
N ALA A 75 -8.77 -12.12 11.89
CA ALA A 75 -9.01 -13.55 12.00
C ALA A 75 -9.11 -14.15 10.63
N VAL A 76 -9.36 -15.46 10.59
CA VAL A 76 -9.51 -16.19 9.34
C VAL A 76 -10.50 -17.32 9.51
N VAL A 77 -11.12 -17.70 8.39
CA VAL A 77 -12.05 -18.82 8.34
C VAL A 77 -11.47 -19.62 7.18
N THR A 78 -10.78 -20.69 7.52
CA THR A 78 -10.11 -21.50 6.50
C THR A 78 -10.90 -22.59 5.81
N GLN A 79 -12.22 -22.49 5.86
CA GLN A 79 -13.10 -23.45 5.19
C GLN A 79 -13.77 -22.62 4.11
N GLU A 80 -13.89 -23.18 2.90
CA GLU A 80 -14.49 -22.44 1.79
C GLU A 80 -15.97 -22.08 2.02
N PRO A 81 -16.36 -20.84 1.66
CA PRO A 81 -15.47 -19.83 1.08
C PRO A 81 -14.53 -19.23 2.13
N ILE A 82 -13.24 -19.20 1.80
CA ILE A 82 -12.23 -18.67 2.71
C ILE A 82 -12.35 -17.18 2.97
N TYR A 83 -12.20 -16.80 4.23
CA TYR A 83 -12.29 -15.39 4.63
C TYR A 83 -11.02 -14.94 5.37
N ILE A 84 -10.70 -13.67 5.19
CA ILE A 84 -9.61 -13.05 5.92
C ILE A 84 -10.30 -11.82 6.51
N ILE A 85 -10.36 -11.74 7.83
CA ILE A 85 -11.03 -10.63 8.47
C ILE A 85 -10.00 -9.66 9.04
N THR A 86 -10.16 -8.38 8.71
CA THR A 86 -9.21 -7.38 9.18
C THR A 86 -9.89 -6.16 9.81
N GLU A 87 -9.04 -5.29 10.33
CA GLU A 87 -9.42 -4.02 10.92
C GLU A 87 -10.14 -3.25 9.80
N TYR A 88 -11.18 -2.53 10.12
CA TYR A 88 -11.97 -1.75 9.16
C TYR A 88 -11.54 -0.28 9.11
N MET A 89 -11.43 0.27 7.94
CA MET A 89 -11.03 1.68 7.81
C MET A 89 -12.21 2.44 7.23
N GLU A 90 -12.84 3.25 8.06
CA GLU A 90 -14.03 3.99 7.67
C GLU A 90 -13.99 4.84 6.41
N ASN A 91 -12.82 5.39 6.02
CA ASN A 91 -12.78 6.22 4.82
C ASN A 91 -12.18 5.64 3.53
N GLY A 92 -12.07 4.32 3.47
CA GLY A 92 -11.60 3.65 2.27
C GLY A 92 -10.18 3.90 1.79
N SER A 93 -9.99 3.75 0.48
CA SER A 93 -8.69 3.93 -0.13
C SER A 93 -8.33 5.40 -0.24
N LEU A 94 -7.05 5.71 -0.05
CA LEU A 94 -6.58 7.08 -0.11
C LEU A 94 -6.87 7.69 -1.49
N VAL A 95 -6.57 6.95 -2.54
CA VAL A 95 -6.79 7.46 -3.89
C VAL A 95 -8.25 7.89 -4.07
N ASP A 96 -9.17 7.17 -3.45
CA ASP A 96 -10.60 7.53 -3.54
C ASP A 96 -10.96 8.68 -2.58
N PHE A 97 -10.49 8.58 -1.35
CA PHE A 97 -10.78 9.59 -0.34
C PHE A 97 -10.39 11.03 -0.71
N LEU A 98 -9.25 11.18 -1.36
CA LEU A 98 -8.74 12.49 -1.76
C LEU A 98 -9.64 13.16 -2.81
N LYS A 99 -10.55 12.40 -3.39
CA LYS A 99 -11.46 12.93 -4.40
C LYS A 99 -12.84 13.32 -3.82
N THR A 100 -13.09 12.93 -2.58
CA THR A 100 -14.36 13.26 -1.95
C THR A 100 -14.36 14.72 -1.49
N PRO A 101 -15.54 15.27 -1.14
CA PRO A 101 -15.63 16.65 -0.69
C PRO A 101 -14.67 16.93 0.47
N SER A 102 -14.55 15.97 1.37
CA SER A 102 -13.65 16.11 2.52
C SER A 102 -12.21 16.08 2.05
N GLY A 103 -11.87 15.09 1.23
CA GLY A 103 -10.51 14.97 0.75
C GLY A 103 -10.03 16.20 0.03
N ILE A 104 -10.89 16.74 -0.83
CA ILE A 104 -10.57 17.92 -1.62
C ILE A 104 -10.21 19.15 -0.78
N LYS A 105 -10.84 19.29 0.37
CA LYS A 105 -10.60 20.41 1.25
C LYS A 105 -9.35 20.31 2.13
N LEU A 106 -8.71 19.14 2.14
CA LEU A 106 -7.50 18.98 2.96
C LEU A 106 -6.42 19.98 2.59
N THR A 107 -5.74 20.49 3.60
CA THR A 107 -4.66 21.46 3.45
C THR A 107 -3.39 20.70 3.08
N ILE A 108 -2.41 21.41 2.55
CA ILE A 108 -1.16 20.76 2.19
C ILE A 108 -0.57 20.17 3.47
N ASN A 109 -0.84 20.85 4.58
CA ASN A 109 -0.34 20.44 5.89
C ASN A 109 -0.79 19.02 6.24
N LYS A 110 -2.07 18.77 6.02
CA LYS A 110 -2.64 17.46 6.32
C LYS A 110 -2.18 16.40 5.32
N LEU A 111 -1.94 16.80 4.07
CA LEU A 111 -1.48 15.87 3.05
C LEU A 111 -0.07 15.39 3.41
N LEU A 112 0.75 16.30 3.92
CA LEU A 112 2.13 15.97 4.32
C LEU A 112 2.08 15.09 5.56
N ASP A 113 1.10 15.35 6.41
CA ASP A 113 0.90 14.57 7.63
C ASP A 113 0.64 13.12 7.20
N MET A 114 -0.28 12.95 6.26
CA MET A 114 -0.61 11.63 5.76
C MET A 114 0.59 10.97 5.09
N ALA A 115 1.35 11.75 4.33
CA ALA A 115 2.52 11.24 3.65
C ALA A 115 3.49 10.65 4.68
N ALA A 116 3.71 11.39 5.76
CA ALA A 116 4.61 10.95 6.81
C ALA A 116 4.10 9.67 7.46
N GLN A 117 2.78 9.61 7.67
CA GLN A 117 2.17 8.44 8.28
C GLN A 117 2.47 7.19 7.44
N ILE A 118 2.39 7.35 6.12
CA ILE A 118 2.65 6.26 5.21
C ILE A 118 4.13 5.87 5.29
N ALA A 119 5.02 6.87 5.29
CA ALA A 119 6.45 6.59 5.37
C ALA A 119 6.77 5.90 6.70
N GLU A 120 6.01 6.25 7.74
CA GLU A 120 6.22 5.65 9.05
C GLU A 120 5.92 4.17 8.98
N GLY A 121 4.80 3.83 8.35
CA GLY A 121 4.44 2.44 8.19
C GLY A 121 5.50 1.68 7.40
N MET A 122 5.95 2.27 6.29
CA MET A 122 6.98 1.65 5.45
C MET A 122 8.30 1.51 6.20
N ALA A 123 8.57 2.42 7.13
CA ALA A 123 9.81 2.38 7.91
C ALA A 123 9.80 1.12 8.76
N PHE A 124 8.62 0.74 9.26
CA PHE A 124 8.46 -0.48 10.06
C PHE A 124 8.72 -1.68 9.17
N ILE A 125 8.11 -1.66 7.98
CA ILE A 125 8.27 -2.75 7.02
C ILE A 125 9.74 -2.88 6.65
N GLU A 126 10.38 -1.73 6.47
CA GLU A 126 11.79 -1.65 6.12
C GLU A 126 12.66 -2.31 7.20
N GLU A 127 12.44 -1.93 8.45
CA GLU A 127 13.20 -2.47 9.57
C GLU A 127 13.01 -3.96 9.83
N ARG A 128 11.83 -4.47 9.49
CA ARG A 128 11.54 -5.89 9.68
C ARG A 128 12.02 -6.77 8.52
N ASN A 129 12.78 -6.18 7.61
CA ASN A 129 13.33 -6.88 6.45
C ASN A 129 12.29 -7.35 5.43
N TYR A 130 11.19 -6.61 5.32
CA TYR A 130 10.14 -6.96 4.36
C TYR A 130 10.06 -5.90 3.25
N ILE A 131 9.43 -6.27 2.15
CA ILE A 131 9.20 -5.35 1.05
C ILE A 131 7.71 -5.47 0.74
N HIS A 132 7.14 -4.43 0.16
CA HIS A 132 5.71 -4.41 -0.13
C HIS A 132 5.41 -4.69 -1.61
N ARG A 133 6.14 -4.00 -2.50
CA ARG A 133 6.00 -4.17 -3.94
C ARG A 133 4.72 -3.67 -4.61
N ASP A 134 3.74 -3.21 -3.84
CA ASP A 134 2.49 -2.71 -4.41
C ASP A 134 2.11 -1.40 -3.73
N LEU A 135 3.13 -0.61 -3.39
CA LEU A 135 2.92 0.66 -2.71
C LEU A 135 2.39 1.72 -3.67
N ARG A 136 1.14 2.11 -3.43
CA ARG A 136 0.46 3.11 -4.24
C ARG A 136 -0.74 3.60 -3.43
N ALA A 137 -1.23 4.80 -3.75
CA ALA A 137 -2.36 5.38 -3.04
C ALA A 137 -3.58 4.46 -2.96
N ALA A 138 -3.79 3.63 -3.96
CA ALA A 138 -4.94 2.72 -3.96
C ALA A 138 -4.79 1.69 -2.84
N ASN A 139 -3.56 1.46 -2.40
CA ASN A 139 -3.32 0.49 -1.34
C ASN A 139 -3.02 1.09 0.04
N ILE A 140 -3.49 2.32 0.22
CA ILE A 140 -3.35 3.00 1.50
C ILE A 140 -4.80 3.19 1.92
N LEU A 141 -5.14 2.84 3.16
CA LEU A 141 -6.51 2.99 3.64
C LEU A 141 -6.58 4.13 4.64
N VAL A 142 -7.75 4.78 4.71
CA VAL A 142 -7.92 5.92 5.60
C VAL A 142 -8.97 5.67 6.68
N SER A 143 -8.62 6.01 7.92
CA SER A 143 -9.51 5.81 9.05
C SER A 143 -10.53 6.94 9.24
N ASP A 144 -11.45 6.72 10.18
CA ASP A 144 -12.48 7.70 10.45
C ASP A 144 -11.84 8.98 11.02
N THR A 145 -10.63 8.86 11.55
CA THR A 145 -9.94 10.01 12.12
C THR A 145 -8.90 10.57 11.14
N LEU A 146 -8.98 10.14 9.89
CA LEU A 146 -8.06 10.59 8.85
C LEU A 146 -6.61 10.21 9.11
N SER A 147 -6.42 9.00 9.62
CA SER A 147 -5.08 8.47 9.83
C SER A 147 -4.95 7.43 8.72
N CYS A 148 -3.73 7.19 8.25
CA CYS A 148 -3.49 6.27 7.13
C CYS A 148 -2.76 5.00 7.53
N LYS A 149 -3.09 3.90 6.84
CA LYS A 149 -2.43 2.62 7.10
C LYS A 149 -2.16 1.87 5.80
N ILE A 150 -1.03 1.14 5.77
CA ILE A 150 -0.62 0.37 4.61
C ILE A 150 -1.53 -0.85 4.48
N ALA A 151 -1.97 -1.14 3.27
CA ALA A 151 -2.85 -2.27 3.02
C ALA A 151 -2.36 -3.14 1.87
N ASP A 152 -3.13 -4.20 1.62
CA ASP A 152 -2.83 -5.14 0.55
C ASP A 152 -1.41 -5.66 0.66
N PHE A 153 -1.22 -6.82 1.22
CA PHE A 153 0.12 -7.35 1.35
C PHE A 153 0.31 -8.55 0.46
N GLY A 154 -0.49 -8.63 -0.58
CA GLY A 154 -0.42 -9.74 -1.51
C GLY A 154 0.93 -9.97 -2.14
N LEU A 155 1.62 -8.89 -2.48
CA LEU A 155 2.93 -9.00 -3.11
C LEU A 155 4.09 -8.82 -2.12
N ALA A 156 3.76 -8.56 -0.86
CA ALA A 156 4.78 -8.35 0.16
C ALA A 156 5.63 -9.61 0.33
N ARG A 157 6.91 -9.41 0.62
CA ARG A 157 7.84 -10.52 0.79
C ARG A 157 8.88 -10.27 1.87
N LEU A 158 9.24 -11.32 2.59
CA LEU A 158 10.27 -11.22 3.60
C LEU A 158 11.58 -11.27 2.81
N ILE A 159 12.41 -10.26 2.98
CA ILE A 159 13.68 -10.22 2.28
C ILE A 159 14.79 -10.83 3.13
N GLU A 160 15.21 -12.02 2.74
CA GLU A 160 16.25 -12.78 3.44
C GLU A 160 17.65 -12.28 3.09
N ASP A 161 17.83 -11.88 1.84
CA ASP A 161 19.08 -11.30 1.39
C ASP A 161 18.61 -9.94 0.85
N ASN A 162 19.53 -9.03 0.59
CA ASN A 162 19.18 -7.70 0.11
C ASN A 162 18.00 -7.60 -0.87
N GLU A 163 17.89 -8.51 -1.83
CA GLU A 163 16.80 -8.39 -2.80
C GLU A 163 15.95 -9.62 -3.15
N TYR A 164 14.79 -9.34 -3.73
CA TYR A 164 13.86 -10.38 -4.16
C TYR A 164 13.78 -10.31 -5.69
N THR A 165 13.83 -11.47 -6.34
CA THR A 165 13.75 -11.52 -7.80
C THR A 165 12.44 -12.15 -8.22
N ALA A 166 11.65 -11.41 -8.98
CA ALA A 166 10.35 -11.90 -9.43
C ALA A 166 10.47 -12.93 -10.55
N ARG A 167 9.34 -13.27 -11.15
CA ARG A 167 9.31 -14.25 -12.23
C ARG A 167 9.38 -13.50 -13.55
N GLU A 168 10.26 -13.94 -14.44
CA GLU A 168 10.42 -13.29 -15.73
C GLU A 168 9.12 -12.84 -16.39
N GLY A 169 8.05 -13.60 -16.15
CA GLY A 169 6.77 -13.25 -16.73
C GLY A 169 5.95 -12.29 -15.88
N ALA A 170 6.30 -12.17 -14.61
CA ALA A 170 5.58 -11.27 -13.71
C ALA A 170 5.55 -9.85 -14.27
N LYS A 171 4.39 -9.21 -14.18
CA LYS A 171 4.27 -7.85 -14.69
C LYS A 171 3.81 -6.92 -13.58
N PHE A 172 4.26 -5.68 -13.62
CA PHE A 172 3.89 -4.73 -12.58
C PHE A 172 3.50 -3.39 -13.17
N PRO A 173 2.75 -2.58 -12.42
CA PRO A 173 2.32 -1.27 -12.90
C PRO A 173 3.57 -0.47 -13.24
N ILE A 174 3.76 -0.22 -14.54
CA ILE A 174 4.92 0.49 -15.02
C ILE A 174 5.16 1.85 -14.33
N LYS A 175 4.12 2.68 -14.24
CA LYS A 175 4.26 4.02 -13.64
C LYS A 175 4.67 4.12 -12.17
N TRP A 176 4.40 3.08 -11.37
CA TRP A 176 4.73 3.07 -9.95
C TRP A 176 5.96 2.25 -9.59
N THR A 177 6.44 1.44 -10.52
CA THR A 177 7.56 0.54 -10.27
C THR A 177 8.94 1.08 -10.65
N ALA A 178 9.92 0.81 -9.78
CA ALA A 178 11.29 1.26 -9.98
C ALA A 178 11.92 0.64 -11.23
N PRO A 179 12.81 1.38 -11.90
CA PRO A 179 13.47 0.89 -13.11
C PRO A 179 14.08 -0.51 -12.96
N GLU A 180 14.88 -0.72 -11.92
CA GLU A 180 15.53 -2.01 -11.71
C GLU A 180 14.51 -3.15 -11.63
N ALA A 181 13.33 -2.84 -11.09
CA ALA A 181 12.30 -3.85 -10.96
C ALA A 181 11.69 -4.13 -12.33
N ILE A 182 11.43 -3.07 -13.08
CA ILE A 182 10.83 -3.19 -14.40
C ILE A 182 11.79 -3.93 -15.33
N ASN A 183 13.07 -3.58 -15.25
CA ASN A 183 14.07 -4.17 -16.12
C ASN A 183 14.70 -5.50 -15.72
N TYR A 184 14.86 -5.75 -14.42
CA TYR A 184 15.49 -6.98 -13.97
C TYR A 184 14.60 -7.88 -13.13
N GLY A 185 13.48 -7.34 -12.64
CA GLY A 185 12.60 -8.11 -11.81
C GLY A 185 13.15 -8.14 -10.39
N THR A 186 14.11 -7.27 -10.12
CA THR A 186 14.73 -7.20 -8.81
C THR A 186 14.06 -6.15 -7.93
N PHE A 187 13.56 -6.59 -6.77
CA PHE A 187 12.91 -5.70 -5.82
C PHE A 187 13.64 -5.63 -4.49
N THR A 188 13.75 -4.43 -3.94
CA THR A 188 14.38 -4.20 -2.64
C THR A 188 13.53 -3.15 -1.97
N ILE A 189 13.83 -2.82 -0.73
CA ILE A 189 13.05 -1.79 -0.05
C ILE A 189 13.24 -0.49 -0.84
N LYS A 190 14.35 -0.37 -1.56
CA LYS A 190 14.63 0.82 -2.35
C LYS A 190 13.67 0.94 -3.53
N SER A 191 13.09 -0.19 -3.93
CA SER A 191 12.12 -0.21 -5.02
C SER A 191 10.83 0.41 -4.47
N ASP A 192 10.54 0.11 -3.21
CA ASP A 192 9.36 0.65 -2.56
C ASP A 192 9.53 2.16 -2.40
N VAL A 193 10.75 2.59 -2.12
CA VAL A 193 11.00 4.01 -1.95
C VAL A 193 10.64 4.74 -3.24
N TRP A 194 11.05 4.19 -4.39
CA TRP A 194 10.72 4.81 -5.66
C TRP A 194 9.19 4.91 -5.79
N SER A 195 8.50 3.84 -5.42
CA SER A 195 7.04 3.80 -5.48
C SER A 195 6.45 4.87 -4.55
N PHE A 196 7.08 5.07 -3.40
CA PHE A 196 6.60 6.08 -2.46
C PHE A 196 6.64 7.46 -3.14
N GLY A 197 7.70 7.70 -3.91
CA GLY A 197 7.84 8.95 -4.62
C GLY A 197 6.65 9.21 -5.53
N ILE A 198 6.25 8.18 -6.27
CA ILE A 198 5.10 8.28 -7.16
C ILE A 198 3.83 8.50 -6.32
N LEU A 199 3.73 7.80 -5.20
CA LEU A 199 2.57 7.94 -4.32
C LEU A 199 2.43 9.38 -3.85
N LEU A 200 3.55 10.03 -3.56
CA LEU A 200 3.51 11.42 -3.11
C LEU A 200 2.84 12.31 -4.15
N THR A 201 3.05 12.02 -5.44
CA THR A 201 2.41 12.81 -6.48
C THR A 201 0.91 12.56 -6.45
N GLU A 202 0.51 11.34 -6.08
CA GLU A 202 -0.91 11.00 -5.99
C GLU A 202 -1.55 11.81 -4.88
N ILE A 203 -0.82 11.98 -3.80
CA ILE A 203 -1.34 12.74 -2.67
C ILE A 203 -1.55 14.21 -3.04
N VAL A 204 -0.50 14.87 -3.53
CA VAL A 204 -0.59 16.28 -3.86
C VAL A 204 -1.53 16.67 -5.00
N THR A 205 -1.88 15.70 -5.86
CA THR A 205 -2.80 15.96 -6.96
C THR A 205 -4.19 15.40 -6.64
N HIS A 206 -4.40 15.01 -5.39
CA HIS A 206 -5.68 14.45 -4.98
C HIS A 206 -6.14 13.27 -5.83
N GLY A 207 -5.23 12.31 -6.04
CA GLY A 207 -5.56 11.11 -6.79
C GLY A 207 -5.33 11.04 -8.30
N ARG A 208 -4.63 12.01 -8.88
CA ARG A 208 -4.38 11.98 -10.32
C ARG A 208 -3.38 10.89 -10.72
N ILE A 209 -3.55 10.34 -11.92
CA ILE A 209 -2.66 9.29 -12.42
C ILE A 209 -1.31 9.93 -12.71
N PRO A 210 -0.22 9.31 -12.23
CA PRO A 210 1.13 9.84 -12.45
C PRO A 210 1.51 9.97 -13.92
N TYR A 211 2.48 10.85 -14.20
CA TYR A 211 2.96 11.09 -15.56
C TYR A 211 1.78 11.44 -16.47
N PRO A 212 1.08 12.54 -16.15
CA PRO A 212 -0.08 13.02 -16.91
C PRO A 212 0.18 13.08 -18.43
N GLY A 213 -0.76 12.55 -19.20
CA GLY A 213 -0.63 12.57 -20.65
C GLY A 213 0.46 11.71 -21.25
N MET A 214 0.98 10.75 -20.50
CA MET A 214 2.04 9.88 -21.01
C MET A 214 1.70 8.39 -20.93
N THR A 215 2.07 7.66 -21.97
CA THR A 215 1.86 6.21 -22.02
C THR A 215 3.04 5.56 -21.28
N ASN A 216 2.96 4.26 -21.00
CA ASN A 216 4.05 3.58 -20.32
C ASN A 216 5.36 3.66 -21.09
N PRO A 217 5.30 3.48 -22.42
CA PRO A 217 6.50 3.52 -23.24
C PRO A 217 7.16 4.90 -23.14
N GLU A 218 6.34 5.94 -23.14
CA GLU A 218 6.86 7.30 -23.04
C GLU A 218 7.54 7.53 -21.70
N VAL A 219 6.97 6.96 -20.64
CA VAL A 219 7.52 7.11 -19.30
C VAL A 219 8.92 6.49 -19.24
N ILE A 220 9.04 5.26 -19.75
CA ILE A 220 10.32 4.56 -19.76
C ILE A 220 11.38 5.30 -20.57
N GLN A 221 10.99 5.79 -21.75
CA GLN A 221 11.89 6.51 -22.62
C GLN A 221 12.43 7.77 -21.93
N ASN A 222 11.51 8.53 -21.34
CA ASN A 222 11.90 9.74 -20.63
C ASN A 222 12.79 9.44 -19.42
N LEU A 223 12.42 8.44 -18.63
CA LEU A 223 13.21 8.08 -17.46
C LEU A 223 14.65 7.77 -17.86
N GLU A 224 14.82 7.04 -18.97
CA GLU A 224 16.13 6.67 -19.44
C GLU A 224 16.95 7.87 -19.89
N ARG A 225 16.28 8.98 -20.15
CA ARG A 225 16.97 10.18 -20.55
C ARG A 225 17.43 10.93 -19.32
N GLY A 226 16.95 10.50 -18.15
CA GLY A 226 17.32 11.17 -16.92
C GLY A 226 16.21 12.08 -16.44
N TYR A 227 15.15 12.20 -17.22
CA TYR A 227 14.00 13.02 -16.84
C TYR A 227 13.25 12.27 -15.77
N ARG A 228 12.43 13.01 -15.02
CA ARG A 228 11.58 12.44 -13.97
C ARG A 228 10.23 13.13 -14.15
N MET A 229 9.21 12.69 -13.45
CA MET A 229 7.90 13.29 -13.59
C MET A 229 7.95 14.81 -13.44
N VAL A 230 7.23 15.48 -14.32
CA VAL A 230 7.12 16.94 -14.30
C VAL A 230 6.45 17.38 -12.99
N ARG A 231 6.89 18.51 -12.45
CA ARG A 231 6.32 19.02 -11.21
C ARG A 231 4.80 19.06 -11.32
N PRO A 232 4.08 18.38 -10.40
CA PRO A 232 2.62 18.40 -10.44
C PRO A 232 2.14 19.80 -10.12
N ASP A 233 0.92 20.13 -10.57
CA ASP A 233 0.37 21.46 -10.31
C ASP A 233 0.29 21.71 -8.81
N ASN A 234 0.65 22.92 -8.40
CA ASN A 234 0.61 23.32 -6.99
C ASN A 234 1.36 22.39 -6.04
N CYS A 235 2.39 21.73 -6.52
CA CYS A 235 3.17 20.86 -5.65
C CYS A 235 4.28 21.70 -5.01
N PRO A 236 4.34 21.74 -3.67
CA PRO A 236 5.38 22.51 -2.98
C PRO A 236 6.74 22.02 -3.49
N GLU A 237 7.67 22.93 -3.74
CA GLU A 237 8.97 22.55 -4.26
C GLU A 237 9.78 21.62 -3.35
N GLU A 238 9.69 21.81 -2.03
CA GLU A 238 10.42 20.94 -1.11
C GLU A 238 9.93 19.51 -1.22
N LEU A 239 8.63 19.33 -1.40
CA LEU A 239 8.06 18.01 -1.54
C LEU A 239 8.54 17.43 -2.86
N TYR A 240 8.53 18.25 -3.90
CA TYR A 240 8.99 17.78 -5.20
C TYR A 240 10.43 17.28 -5.12
N GLN A 241 11.29 18.01 -4.41
CA GLN A 241 12.68 17.60 -4.29
C GLN A 241 12.82 16.34 -3.45
N LEU A 242 11.88 16.12 -2.54
CA LEU A 242 11.90 14.92 -1.72
C LEU A 242 11.54 13.77 -2.67
N MET A 243 10.63 14.03 -3.59
CA MET A 243 10.22 13.02 -4.57
C MET A 243 11.43 12.63 -5.41
N ARG A 244 12.18 13.65 -5.83
CA ARG A 244 13.36 13.43 -6.64
C ARG A 244 14.34 12.47 -5.96
N LEU A 245 14.49 12.60 -4.65
CA LEU A 245 15.40 11.72 -3.91
C LEU A 245 14.95 10.27 -4.07
N CYS A 246 13.65 10.05 -4.00
CA CYS A 246 13.08 8.72 -4.16
C CYS A 246 13.32 8.17 -5.57
N TRP A 247 13.55 9.06 -6.53
CA TRP A 247 13.75 8.61 -7.90
C TRP A 247 15.19 8.64 -8.40
N LYS A 248 16.14 8.59 -7.47
CA LYS A 248 17.53 8.57 -7.87
C LYS A 248 17.81 7.30 -8.67
N GLU A 249 18.73 7.40 -9.62
CA GLU A 249 19.08 6.29 -10.49
C GLU A 249 19.52 5.06 -9.70
N ARG A 250 20.53 5.22 -8.86
CA ARG A 250 21.03 4.11 -8.03
C ARG A 250 20.12 3.81 -6.84
N PRO A 251 19.62 2.58 -6.74
CA PRO A 251 18.76 2.24 -5.60
C PRO A 251 19.40 2.60 -4.27
N GLU A 252 20.70 2.33 -4.15
CA GLU A 252 21.42 2.61 -2.90
C GLU A 252 21.51 4.10 -2.56
N ASP A 253 21.29 4.95 -3.56
CA ASP A 253 21.35 6.40 -3.33
C ASP A 253 20.01 6.94 -2.82
N ARG A 254 18.95 6.16 -2.95
CA ARG A 254 17.63 6.60 -2.49
C ARG A 254 17.61 6.54 -0.97
N PRO A 255 16.88 7.46 -0.32
CA PRO A 255 16.81 7.50 1.14
C PRO A 255 16.06 6.33 1.78
N THR A 256 16.20 6.22 3.10
CA THR A 256 15.51 5.19 3.86
C THR A 256 14.12 5.73 4.15
N PHE A 257 13.21 4.85 4.56
CA PHE A 257 11.87 5.30 4.88
C PHE A 257 11.85 6.08 6.19
N ASP A 258 12.78 5.76 7.08
CA ASP A 258 12.82 6.50 8.34
C ASP A 258 13.25 7.94 8.05
N TYR A 259 14.16 8.12 7.09
CA TYR A 259 14.60 9.46 6.71
C TYR A 259 13.39 10.20 6.14
N LEU A 260 12.69 9.56 5.22
CA LEU A 260 11.52 10.17 4.60
C LEU A 260 10.51 10.56 5.66
N ARG A 261 10.27 9.68 6.63
CA ARG A 261 9.33 9.97 7.68
C ARG A 261 9.74 11.22 8.44
N SER A 262 11.01 11.27 8.81
CA SER A 262 11.54 12.39 9.56
C SER A 262 11.37 13.71 8.84
N VAL A 263 11.71 13.72 7.54
CA VAL A 263 11.59 14.94 6.75
C VAL A 263 10.14 15.37 6.59
N LEU A 264 9.26 14.42 6.25
CA LEU A 264 7.86 14.76 6.07
C LEU A 264 7.25 15.30 7.35
N GLU A 265 7.69 14.77 8.49
CA GLU A 265 7.18 15.25 9.78
C GLU A 265 7.61 16.70 10.00
N ASP A 266 8.83 17.04 9.56
CA ASP A 266 9.30 18.42 9.70
C ASP A 266 8.48 19.33 8.78
N PHE A 267 8.23 18.85 7.56
CA PHE A 267 7.44 19.60 6.59
C PHE A 267 6.07 19.92 7.19
N PHE A 268 5.51 18.92 7.86
CA PHE A 268 4.19 19.00 8.50
C PHE A 268 4.17 19.96 9.68
N THR A 269 5.11 19.80 10.61
CA THR A 269 5.15 20.67 11.79
C THR A 269 5.51 22.10 11.43
N ALA A 270 5.93 22.32 10.19
CA ALA A 270 6.29 23.66 9.71
C ALA A 270 5.06 24.33 9.14
N THR A 271 4.32 23.62 8.30
CA THR A 271 3.13 24.16 7.87
C THR A 271 2.17 24.18 9.09
C1 547 B . -10.41 -2.67 5.58
N2 547 B . -11.39 -1.72 5.53
C3 547 B . -11.89 -1.23 4.34
C4 547 B . -11.41 -1.69 3.09
C5 547 B . -10.37 -2.72 3.11
C6 547 B . -9.87 -3.20 4.38
O9 547 B . -12.86 -0.29 4.19
C10 547 B . -13.01 -0.13 2.83
C11 547 B . -12.07 -1.03 2.06
C12 547 B . -11.85 -1.23 0.61
C13 547 B . -11.20 -0.22 -0.17
C14 547 B . -11.01 -0.41 -1.57
C15 547 B . -11.49 -1.63 -2.20
C16 547 B . -12.14 -2.66 -1.41
C17 547 B . -12.33 -2.45 -0.01
C23 547 B . -14.00 0.85 2.27
C24 547 B . -14.60 1.81 3.15
C25 547 B . -15.53 2.77 2.65
C26 547 B . -15.89 2.77 1.25
C27 547 B . -15.31 1.81 0.35
C28 547 B . -14.38 0.86 0.86
N34 547 B . -9.87 -3.21 1.92
C35 547 B . -8.82 -4.23 1.85
C36 547 B . -8.46 -4.60 0.41
N39 547 B . -8.27 -3.45 -0.51
C42 547 B . -8.41 -4.01 -1.88
C43 547 B . -8.22 -2.90 -2.93
N44 547 B . -6.89 -2.27 -2.73
C45 547 B . -6.74 -1.71 -1.35
C46 547 B . -6.91 -2.87 -0.34
#